data_9GPY
#
_entry.id   9GPY
#
_cell.length_a   84.589
_cell.length_b   48.797
_cell.length_c   99.904
_cell.angle_alpha   90
_cell.angle_beta   111.259
_cell.angle_gamma   90
#
_symmetry.space_group_name_H-M   'C 1 2 1'
#
loop_
_entity.id
_entity.type
_entity.pdbx_description
1 polymer 'Peptidyl-prolyl cis-trans isomerase FKBP5'
2 non-polymer 2-cyclohexyl-18,19-dimethoxy-13-methyl-11,17-dioxa-4-aza-1lambda5,18lambda5-diphospha-1,15-distannatetracyclo[13.4.0.04,9.016,20]nonadecane-3,10-quinone
3 non-polymer 1,2-ETHANEDIOL
4 water water
#
_entity_poly.entity_id   1
_entity_poly.type   'polypeptide(L)'
_entity_poly.pdbx_seq_one_letter_code
;GAPATVTEQGEDITSKKDRGVLKIVKRVGNGEETPMIGDKVYVHYKGKLSNGKKFDSSHDRNEPFVFSLGKGQVIKAWDI
GVATMKKGEIAHLLIKPEYAYGSAGSLPKIPSNATLFFEIELLDFKGE
;
_entity_poly.pdbx_strand_id   A,B,C
#
loop_
_chem_comp.id
_chem_comp.type
_chem_comp.name
_chem_comp.formula
A1INZ non-polymer 2-cyclohexyl-18,19-dimethoxy-13-methyl-11,17-dioxa-4-aza-1lambda5,18lambda5-diphospha-1,15-distannatetracyclo[13.4.0.04,9.016,20]nonadecane-3,10-quinone 'C31 H44 N4 O6'
EDO non-polymer 1,2-ETHANEDIOL 'C2 H6 O2'
#
# COMPACT_ATOMS: atom_id res chain seq x y z
N GLY A 1 -14.73 0.78 12.12
CA GLY A 1 -14.82 1.75 11.01
C GLY A 1 -13.66 2.74 10.99
N ALA A 2 -13.85 3.77 10.18
CA ALA A 2 -12.84 4.81 10.01
C ALA A 2 -12.38 5.36 11.37
N PRO A 3 -13.27 5.74 12.33
CA PRO A 3 -12.80 6.32 13.57
C PRO A 3 -11.86 5.38 14.33
N ALA A 4 -12.26 4.10 14.44
CA ALA A 4 -11.45 3.11 15.13
C ALA A 4 -10.06 2.98 14.49
N THR A 5 -9.99 3.05 13.16
CA THR A 5 -8.71 2.92 12.48
C THR A 5 -7.81 4.08 12.89
N VAL A 6 -8.38 5.27 13.01
CA VAL A 6 -7.60 6.43 13.41
C VAL A 6 -7.09 6.25 14.84
N THR A 7 -7.95 5.78 15.77
CA THR A 7 -7.50 5.48 17.12
C THR A 7 -6.28 4.55 17.09
N GLU A 8 -6.38 3.49 16.30
CA GLU A 8 -5.43 2.39 16.33
C GLU A 8 -4.13 2.82 15.64
N GLN A 9 -4.21 3.52 14.50
CA GLN A 9 -3.08 3.73 13.64
C GLN A 9 -2.78 5.22 13.37
N GLY A 10 -3.65 6.13 13.86
CA GLY A 10 -3.46 7.54 13.54
C GLY A 10 -2.22 8.14 14.21
N GLU A 11 -1.65 9.12 13.52
CA GLU A 11 -0.53 9.88 14.06
C GLU A 11 -1.05 10.98 14.97
N ASP A 12 -0.38 11.14 16.12
CA ASP A 12 -0.67 12.24 17.03
C ASP A 12 0.01 13.53 16.52
N ILE A 13 -0.80 14.47 16.05
CA ILE A 13 -0.30 15.69 15.48
C ILE A 13 -0.39 16.87 16.46
N THR A 14 -0.73 16.61 17.74
CA THR A 14 -0.67 17.64 18.78
C THR A 14 0.78 17.95 19.18
N SER A 15 1.02 19.19 19.64
CA SER A 15 2.29 19.61 20.21
C SER A 15 2.55 18.90 21.54
N LYS A 16 1.49 18.79 22.34
CA LYS A 16 1.61 18.24 23.68
C LYS A 16 1.74 16.70 23.65
N LYS A 17 1.44 16.09 22.48
CA LYS A 17 1.50 14.63 22.30
C LYS A 17 0.57 13.95 23.31
N ASP A 18 -0.66 14.46 23.36
CA ASP A 18 -1.68 13.98 24.28
C ASP A 18 -2.76 13.18 23.52
N ARG A 19 -2.50 12.85 22.25
CA ARG A 19 -3.40 12.07 21.40
C ARG A 19 -4.76 12.78 21.23
N GLY A 20 -4.77 14.11 21.39
CA GLY A 20 -6.01 14.89 21.30
C GLY A 20 -6.53 15.05 19.87
N VAL A 21 -5.60 14.95 18.91
CA VAL A 21 -5.90 15.07 17.50
C VAL A 21 -5.07 14.00 16.80
N LEU A 22 -5.76 12.97 16.32
CA LEU A 22 -5.10 11.88 15.60
C LEU A 22 -5.48 11.93 14.13
N LYS A 23 -4.53 11.58 13.23
CA LYS A 23 -4.69 11.78 11.81
C LYS A 23 -4.24 10.56 11.03
N ILE A 24 -5.04 10.21 10.03
CA ILE A 24 -4.62 9.30 8.98
C ILE A 24 -4.76 10.01 7.64
N VAL A 25 -3.74 9.88 6.80
CA VAL A 25 -3.80 10.35 5.42
C VAL A 25 -4.48 9.26 4.59
N LYS A 26 -5.65 9.58 4.05
CA LYS A 26 -6.41 8.64 3.22
C LYS A 26 -6.10 8.76 1.73
N ARG A 27 -5.71 9.97 1.30
N ARG A 27 -5.70 9.97 1.31
CA ARG A 27 -5.23 10.18 -0.04
CA ARG A 27 -5.23 10.19 -0.04
C ARG A 27 -4.14 11.25 0.01
C ARG A 27 -4.14 11.25 0.01
N VAL A 28 -2.98 10.92 -0.55
CA VAL A 28 -1.83 11.81 -0.55
C VAL A 28 -2.08 12.98 -1.50
N GLY A 29 -1.74 14.20 -1.10
CA GLY A 29 -1.92 15.38 -1.94
C GLY A 29 -0.72 15.65 -2.84
N ASN A 30 -0.68 16.88 -3.37
CA ASN A 30 0.24 17.28 -4.41
C ASN A 30 1.30 18.20 -3.84
N GLY A 31 2.52 18.11 -4.38
CA GLY A 31 3.55 19.05 -3.98
C GLY A 31 4.00 18.83 -2.54
N GLU A 32 4.59 19.88 -1.95
CA GLU A 32 5.08 19.86 -0.59
C GLU A 32 4.35 20.92 0.26
N GLU A 33 3.85 21.99 -0.36
CA GLU A 33 3.33 23.14 0.38
C GLU A 33 2.09 22.79 1.20
N THR A 34 2.07 23.33 2.42
CA THR A 34 0.92 23.27 3.30
C THR A 34 0.61 24.68 3.78
N PRO A 35 -0.64 24.99 4.21
CA PRO A 35 -1.03 26.37 4.40
C PRO A 35 -0.45 27.06 5.61
N MET A 36 -0.28 28.38 5.45
CA MET A 36 0.24 29.26 6.48
C MET A 36 -0.94 29.84 7.29
N ILE A 37 -0.70 30.16 8.55
CA ILE A 37 -1.68 30.90 9.35
C ILE A 37 -2.12 32.12 8.55
N GLY A 38 -3.42 32.35 8.49
CA GLY A 38 -3.95 33.48 7.75
C GLY A 38 -4.40 33.14 6.33
N ASP A 39 -3.91 32.02 5.78
CA ASP A 39 -4.33 31.62 4.45
C ASP A 39 -5.82 31.28 4.46
N LYS A 40 -6.48 31.57 3.36
CA LYS A 40 -7.83 31.10 3.14
C LYS A 40 -7.75 29.68 2.63
N VAL A 41 -8.45 28.77 3.31
CA VAL A 41 -8.44 27.37 2.97
C VAL A 41 -9.81 26.95 2.48
N TYR A 42 -9.82 26.12 1.41
CA TYR A 42 -11.06 25.67 0.77
C TYR A 42 -11.12 24.15 0.91
N VAL A 43 -12.16 23.63 1.56
CA VAL A 43 -12.26 22.20 1.83
C VAL A 43 -13.66 21.66 1.50
N HIS A 44 -13.70 20.34 1.34
CA HIS A 44 -14.88 19.53 1.52
C HIS A 44 -14.67 18.71 2.79
N TYR A 45 -15.77 18.45 3.50
CA TYR A 45 -15.67 17.70 4.73
C TYR A 45 -16.95 16.93 5.01
N LYS A 46 -16.78 15.91 5.85
CA LYS A 46 -17.88 15.24 6.55
C LYS A 46 -17.44 15.10 7.99
N GLY A 47 -18.39 15.34 8.89
CA GLY A 47 -18.12 15.25 10.30
C GLY A 47 -19.23 14.52 11.02
N LYS A 48 -18.84 13.87 12.12
CA LYS A 48 -19.86 13.27 12.97
C LYS A 48 -19.40 13.21 14.42
N LEU A 49 -20.36 13.07 15.34
CA LEU A 49 -19.97 12.69 16.70
C LEU A 49 -19.53 11.25 16.63
N SER A 50 -18.55 10.86 17.48
CA SER A 50 -18.20 9.46 17.65
C SER A 50 -19.45 8.69 18.07
N ASN A 51 -20.01 9.09 19.22
CA ASN A 51 -21.05 8.34 19.91
C ASN A 51 -22.34 9.11 19.74
N GLY A 52 -22.81 9.22 18.50
CA GLY A 52 -23.94 10.06 18.24
C GLY A 52 -24.51 9.84 16.85
N LYS A 53 -25.77 10.22 16.69
CA LYS A 53 -26.36 10.36 15.38
C LYS A 53 -26.44 11.86 15.08
N LYS A 54 -25.27 12.52 14.98
CA LYS A 54 -25.20 13.80 14.32
C LYS A 54 -24.11 13.70 13.28
N PHE A 55 -24.44 14.21 12.10
CA PHE A 55 -23.62 14.12 10.91
C PHE A 55 -23.78 15.45 10.17
N ASP A 56 -22.70 15.93 9.57
CA ASP A 56 -22.64 17.20 8.90
C ASP A 56 -21.70 17.07 7.72
N SER A 57 -22.02 17.74 6.62
CA SER A 57 -21.25 17.58 5.41
C SER A 57 -21.36 18.85 4.59
N SER A 58 -20.24 19.25 3.98
CA SER A 58 -20.22 20.30 2.98
C SER A 58 -20.89 19.81 1.69
N HIS A 59 -20.89 18.48 1.47
CA HIS A 59 -21.42 17.90 0.23
C HIS A 59 -22.91 18.12 0.12
N ASP A 60 -23.60 18.38 1.23
CA ASP A 60 -25.02 18.67 1.19
C ASP A 60 -25.31 19.97 0.44
N ARG A 61 -24.46 20.98 0.66
CA ARG A 61 -24.58 22.28 0.00
C ARG A 61 -23.91 22.25 -1.37
N ASN A 62 -23.13 21.18 -1.66
CA ASN A 62 -22.44 21.02 -2.94
C ASN A 62 -21.52 22.23 -3.20
N GLU A 63 -20.90 22.77 -2.16
CA GLU A 63 -20.01 23.90 -2.27
C GLU A 63 -18.93 23.80 -1.20
N PRO A 64 -17.66 24.17 -1.51
CA PRO A 64 -16.61 24.11 -0.52
C PRO A 64 -16.88 25.03 0.68
N PHE A 65 -16.43 24.55 1.84
CA PHE A 65 -16.35 25.33 3.05
C PHE A 65 -15.02 26.07 3.10
N VAL A 66 -15.07 27.38 3.39
CA VAL A 66 -13.92 28.27 3.30
C VAL A 66 -13.78 28.99 4.62
N PHE A 67 -12.55 29.04 5.13
CA PHE A 67 -12.22 29.76 6.35
C PHE A 67 -10.75 30.14 6.30
N SER A 68 -10.36 31.04 7.20
CA SER A 68 -9.01 31.55 7.34
C SER A 68 -8.30 30.78 8.44
N LEU A 69 -7.20 30.10 8.10
CA LEU A 69 -6.49 29.23 9.04
C LEU A 69 -5.97 30.02 10.24
N GLY A 70 -6.34 29.52 11.45
CA GLY A 70 -5.95 30.14 12.71
C GLY A 70 -6.81 31.34 13.12
N LYS A 71 -7.79 31.83 12.35
CA LYS A 71 -8.51 33.03 12.76
C LYS A 71 -9.67 32.74 13.74
N GLY A 72 -10.01 31.48 14.03
CA GLY A 72 -10.84 31.10 15.17
C GLY A 72 -12.26 30.76 14.77
N GLN A 73 -12.55 30.69 13.46
CA GLN A 73 -13.90 30.37 12.99
C GLN A 73 -14.21 28.91 13.25
N VAL A 74 -13.15 28.08 13.33
CA VAL A 74 -13.35 26.64 13.52
C VAL A 74 -12.59 26.19 14.77
N ILE A 75 -12.95 24.99 15.23
CA ILE A 75 -12.31 24.36 16.38
C ILE A 75 -10.81 24.24 16.21
N LYS A 76 -10.10 24.20 17.33
CA LYS A 76 -8.63 24.14 17.39
C LYS A 76 -8.14 22.97 16.54
N ALA A 77 -8.77 21.81 16.65
CA ALA A 77 -8.34 20.63 15.90
C ALA A 77 -8.26 20.87 14.39
N TRP A 78 -9.19 21.67 13.88
CA TRP A 78 -9.16 22.01 12.48
C TRP A 78 -7.98 22.91 12.16
N ASP A 79 -7.68 23.92 12.92
CA ASP A 79 -6.48 24.73 12.72
C ASP A 79 -5.22 23.88 12.72
N ILE A 80 -5.13 22.92 13.65
CA ILE A 80 -3.98 22.03 13.77
C ILE A 80 -3.93 21.09 12.57
N GLY A 81 -5.07 20.47 12.26
CA GLY A 81 -5.10 19.41 11.25
C GLY A 81 -4.97 19.92 9.83
N VAL A 82 -5.75 20.94 9.49
CA VAL A 82 -5.69 21.44 8.14
C VAL A 82 -4.30 22.03 7.85
N ALA A 83 -3.64 22.61 8.85
CA ALA A 83 -2.30 23.16 8.64
C ALA A 83 -1.33 22.05 8.20
N THR A 84 -1.60 20.76 8.51
CA THR A 84 -0.68 19.70 8.09
C THR A 84 -0.92 19.18 6.68
N MET A 85 -1.97 19.63 6.00
CA MET A 85 -2.45 18.99 4.77
C MET A 85 -1.93 19.69 3.53
N LYS A 86 -1.70 18.88 2.51
CA LYS A 86 -1.35 19.37 1.20
C LYS A 86 -2.59 19.50 0.33
N LYS A 87 -2.47 20.27 -0.75
N LYS A 87 -2.46 20.27 -0.76
CA LYS A 87 -3.53 20.41 -1.72
CA LYS A 87 -3.53 20.42 -1.73
C LYS A 87 -3.83 19.05 -2.31
C LYS A 87 -3.84 19.04 -2.32
N GLY A 88 -5.11 18.67 -2.30
CA GLY A 88 -5.55 17.40 -2.82
C GLY A 88 -5.55 16.26 -1.81
N GLU A 89 -5.02 16.54 -0.60
CA GLU A 89 -5.01 15.51 0.42
C GLU A 89 -6.42 15.28 0.97
N ILE A 90 -6.71 14.01 1.28
CA ILE A 90 -7.85 13.68 2.13
C ILE A 90 -7.32 13.01 3.40
N ALA A 91 -7.80 13.50 4.54
CA ALA A 91 -7.39 12.97 5.83
C ALA A 91 -8.61 12.68 6.70
N HIS A 92 -8.42 11.73 7.60
CA HIS A 92 -9.31 11.49 8.71
C HIS A 92 -8.69 11.99 10.00
N LEU A 93 -9.51 12.68 10.82
CA LEU A 93 -9.10 13.22 12.11
C LEU A 93 -10.07 12.69 13.16
N LEU A 94 -9.52 12.21 14.27
CA LEU A 94 -10.30 11.93 15.45
C LEU A 94 -9.85 12.90 16.54
N ILE A 95 -10.85 13.51 17.22
CA ILE A 95 -10.58 14.69 18.00
C ILE A 95 -11.23 14.58 19.38
N LYS A 96 -10.40 14.72 20.40
CA LYS A 96 -10.87 14.69 21.79
C LYS A 96 -11.51 16.02 22.12
N PRO A 97 -12.38 16.09 23.15
CA PRO A 97 -13.13 17.33 23.39
C PRO A 97 -12.27 18.56 23.62
N GLU A 98 -11.09 18.38 24.24
N GLU A 98 -11.09 18.38 24.24
CA GLU A 98 -10.21 19.48 24.57
CA GLU A 98 -10.21 19.49 24.56
C GLU A 98 -9.84 20.27 23.31
C GLU A 98 -9.84 20.28 23.30
N TYR A 99 -9.89 19.63 22.12
CA TYR A 99 -9.52 20.30 20.87
C TYR A 99 -10.76 20.60 20.01
N ALA A 100 -11.94 20.49 20.60
CA ALA A 100 -13.21 20.70 19.91
C ALA A 100 -14.09 21.58 20.82
N TYR A 101 -15.18 21.09 21.44
CA TYR A 101 -16.10 21.91 22.23
C TYR A 101 -16.08 21.61 23.74
N GLY A 102 -15.09 20.84 24.23
CA GLY A 102 -14.81 20.74 25.64
C GLY A 102 -15.88 20.04 26.46
N SER A 103 -15.68 20.19 27.77
CA SER A 103 -16.56 19.63 28.78
C SER A 103 -17.94 20.28 28.70
N ALA A 104 -17.99 21.57 28.38
CA ALA A 104 -19.22 22.31 28.25
C ALA A 104 -20.05 21.84 27.05
N GLY A 105 -19.38 21.43 25.96
CA GLY A 105 -20.08 21.28 24.70
C GLY A 105 -20.58 22.62 24.17
N SER A 106 -21.58 22.57 23.30
CA SER A 106 -22.18 23.77 22.73
C SER A 106 -23.59 23.41 22.32
N LEU A 107 -24.48 23.35 23.31
CA LEU A 107 -25.83 22.84 23.07
C LEU A 107 -26.63 23.85 22.26
N PRO A 108 -27.65 23.43 21.47
CA PRO A 108 -28.07 22.02 21.34
C PRO A 108 -27.19 21.15 20.45
N LYS A 109 -26.35 21.77 19.62
CA LYS A 109 -25.68 21.01 18.59
C LYS A 109 -24.72 19.97 19.17
N ILE A 110 -23.85 20.41 20.09
CA ILE A 110 -22.74 19.58 20.57
C ILE A 110 -22.89 19.31 22.06
N PRO A 111 -22.98 18.03 22.48
CA PRO A 111 -23.03 17.69 23.90
C PRO A 111 -21.70 17.83 24.62
N SER A 112 -21.77 17.69 25.94
CA SER A 112 -20.63 17.62 26.82
C SER A 112 -19.68 16.49 26.40
N ASN A 113 -18.37 16.79 26.40
CA ASN A 113 -17.30 15.80 26.29
C ASN A 113 -17.44 14.97 25.02
N ALA A 114 -17.74 15.62 23.89
CA ALA A 114 -17.92 14.92 22.63
C ALA A 114 -16.58 14.77 21.90
N THR A 115 -16.29 13.53 21.52
CA THR A 115 -15.27 13.23 20.52
C THR A 115 -15.87 13.38 19.13
N LEU A 116 -15.12 14.01 18.22
CA LEU A 116 -15.56 14.27 16.85
C LEU A 116 -14.66 13.54 15.85
N PHE A 117 -15.27 13.12 14.76
CA PHE A 117 -14.55 12.54 13.64
C PHE A 117 -14.81 13.38 12.39
N PHE A 118 -13.75 13.67 11.63
CA PHE A 118 -13.93 14.30 10.34
C PHE A 118 -13.14 13.59 9.24
N GLU A 119 -13.72 13.67 8.05
CA GLU A 119 -13.00 13.46 6.81
C GLU A 119 -12.91 14.82 6.13
N ILE A 120 -11.71 15.23 5.76
CA ILE A 120 -11.47 16.54 5.17
C ILE A 120 -10.66 16.33 3.88
N GLU A 121 -11.11 16.98 2.81
CA GLU A 121 -10.36 17.12 1.58
C GLU A 121 -9.91 18.57 1.42
N LEU A 122 -8.60 18.80 1.39
CA LEU A 122 -8.09 20.17 1.21
C LEU A 122 -8.05 20.45 -0.30
N LEU A 123 -8.95 21.32 -0.78
CA LEU A 123 -9.07 21.53 -2.21
C LEU A 123 -8.04 22.57 -2.66
N ASP A 124 -7.85 23.63 -1.85
CA ASP A 124 -6.94 24.70 -2.26
C ASP A 124 -6.69 25.56 -1.05
N PHE A 125 -5.68 26.40 -1.14
CA PHE A 125 -5.44 27.46 -0.18
C PHE A 125 -4.71 28.61 -0.85
N LYS A 126 -5.05 29.80 -0.38
CA LYS A 126 -4.58 31.02 -1.04
C LYS A 126 -4.19 32.01 0.05
N GLY A 127 -3.11 32.73 -0.20
CA GLY A 127 -2.65 33.72 0.75
C GLY A 127 -3.62 34.90 0.82
N GLU A 128 -3.54 35.59 1.97
CA GLU A 128 -4.33 36.75 2.34
C GLU A 128 -4.32 37.82 1.23
N GLY B 1 3.94 2.59 -16.95
CA GLY B 1 3.95 1.49 -15.97
C GLY B 1 4.70 1.90 -14.71
N ALA B 2 4.98 0.91 -13.86
CA ALA B 2 5.70 1.16 -12.62
C ALA B 2 6.99 1.96 -12.85
N PRO B 3 7.88 1.63 -13.82
CA PRO B 3 9.11 2.39 -13.96
C PRO B 3 8.86 3.88 -14.23
N ALA B 4 7.91 4.18 -15.12
CA ALA B 4 7.57 5.56 -15.43
C ALA B 4 7.06 6.31 -14.21
N THR B 5 6.28 5.64 -13.37
CA THR B 5 5.77 6.30 -12.16
C THR B 5 6.95 6.67 -11.25
N VAL B 6 7.96 5.80 -11.18
CA VAL B 6 9.13 6.11 -10.37
C VAL B 6 9.88 7.33 -10.93
N THR B 7 10.07 7.38 -12.25
CA THR B 7 10.64 8.55 -12.89
C THR B 7 9.91 9.83 -12.46
N GLU B 8 8.58 9.78 -12.55
CA GLU B 8 7.72 10.94 -12.34
C GLU B 8 7.66 11.33 -10.87
N GLN B 9 7.55 10.36 -9.96
CA GLN B 9 7.19 10.65 -8.57
C GLN B 9 8.21 10.11 -7.58
N GLY B 10 9.23 9.37 -8.04
CA GLY B 10 10.19 8.76 -7.12
C GLY B 10 11.04 9.79 -6.39
N GLU B 11 11.39 9.47 -5.15
CA GLU B 11 12.35 10.27 -4.40
C GLU B 11 13.77 9.89 -4.81
N ASP B 12 14.61 10.92 -4.99
CA ASP B 12 16.03 10.70 -5.26
C ASP B 12 16.76 10.43 -3.94
N ILE B 13 17.20 9.21 -3.75
CA ILE B 13 17.81 8.79 -2.49
C ILE B 13 19.34 8.75 -2.59
N THR B 14 19.93 9.28 -3.67
CA THR B 14 21.38 9.34 -3.80
C THR B 14 21.92 10.51 -2.96
N SER B 15 23.18 10.37 -2.50
CA SER B 15 23.85 11.47 -1.80
C SER B 15 24.16 12.61 -2.77
N LYS B 16 24.55 12.27 -4.01
CA LYS B 16 24.92 13.28 -4.98
C LYS B 16 23.69 14.00 -5.56
N LYS B 17 22.49 13.45 -5.33
CA LYS B 17 21.22 13.97 -5.87
C LYS B 17 21.30 14.10 -7.39
N ASP B 18 21.71 12.99 -7.99
CA ASP B 18 21.89 12.87 -9.43
C ASP B 18 20.80 12.04 -10.07
N ARG B 19 19.73 11.72 -9.32
CA ARG B 19 18.59 10.96 -9.79
C ARG B 19 19.00 9.55 -10.21
N GLY B 20 20.15 9.05 -9.71
CA GLY B 20 20.68 7.74 -10.11
C GLY B 20 19.90 6.57 -9.48
N VAL B 21 19.26 6.82 -8.33
CA VAL B 21 18.45 5.82 -7.65
C VAL B 21 17.20 6.55 -7.17
N LEU B 22 16.07 6.20 -7.79
CA LEU B 22 14.78 6.80 -7.43
C LEU B 22 13.91 5.73 -6.79
N LYS B 23 13.13 6.11 -5.74
CA LYS B 23 12.41 5.18 -4.93
C LYS B 23 10.97 5.64 -4.74
N ILE B 24 10.05 4.68 -4.83
CA ILE B 24 8.69 4.85 -4.34
C ILE B 24 8.41 3.79 -3.28
N VAL B 25 7.81 4.18 -2.16
CA VAL B 25 7.31 3.23 -1.20
C VAL B 25 5.92 2.78 -1.63
N LYS B 26 5.78 1.49 -1.92
CA LYS B 26 4.50 0.91 -2.37
C LYS B 26 3.68 0.31 -1.21
N ARG B 27 4.38 -0.13 -0.16
CA ARG B 27 3.74 -0.56 1.07
C ARG B 27 4.62 -0.13 2.23
N VAL B 28 4.03 0.60 3.17
CA VAL B 28 4.74 1.07 4.35
C VAL B 28 5.05 -0.11 5.27
N GLY B 29 6.26 -0.16 5.83
CA GLY B 29 6.64 -1.20 6.75
C GLY B 29 6.34 -0.86 8.20
N ASN B 30 6.96 -1.64 9.10
CA ASN B 30 6.62 -1.63 10.52
C ASN B 30 7.73 -0.94 11.28
N GLY B 31 7.36 -0.23 12.34
CA GLY B 31 8.36 0.36 13.21
C GLY B 31 9.12 1.51 12.53
N GLU B 32 10.32 1.76 13.05
CA GLU B 32 11.16 2.88 12.64
C GLU B 32 12.51 2.34 12.12
N GLU B 33 12.93 1.18 12.63
CA GLU B 33 14.27 0.67 12.41
C GLU B 33 14.49 0.30 10.92
N THR B 34 15.68 0.67 10.43
CA THR B 34 16.16 0.29 9.13
C THR B 34 17.55 -0.33 9.30
N PRO B 35 18.01 -1.16 8.36
CA PRO B 35 19.21 -1.96 8.62
C PRO B 35 20.53 -1.20 8.59
N MET B 36 21.48 -1.71 9.38
CA MET B 36 22.82 -1.17 9.50
C MET B 36 23.76 -1.88 8.53
N ILE B 37 24.85 -1.21 8.17
CA ILE B 37 25.92 -1.87 7.42
C ILE B 37 26.29 -3.12 8.17
N GLY B 38 26.44 -4.23 7.42
CA GLY B 38 26.85 -5.50 8.01
C GLY B 38 25.68 -6.39 8.40
N ASP B 39 24.47 -5.82 8.50
CA ASP B 39 23.33 -6.64 8.86
C ASP B 39 23.06 -7.63 7.73
N LYS B 40 22.55 -8.79 8.12
CA LYS B 40 22.07 -9.76 7.16
C LYS B 40 20.64 -9.38 6.82
N VAL B 41 20.34 -9.19 5.55
CA VAL B 41 19.05 -8.70 5.11
C VAL B 41 18.40 -9.80 4.27
N TYR B 42 17.09 -10.02 4.52
CA TYR B 42 16.29 -11.02 3.83
C TYR B 42 15.22 -10.31 3.02
N VAL B 43 15.20 -10.54 1.69
CA VAL B 43 14.22 -9.92 0.85
C VAL B 43 13.54 -10.91 -0.09
N HIS B 44 12.39 -10.48 -0.62
CA HIS B 44 11.87 -10.98 -1.89
C HIS B 44 11.97 -9.82 -2.89
N TYR B 45 12.23 -10.15 -4.16
CA TYR B 45 12.30 -9.12 -5.17
C TYR B 45 11.88 -9.65 -6.54
N LYS B 46 11.61 -8.67 -7.42
CA LYS B 46 11.54 -8.88 -8.86
C LYS B 46 12.30 -7.73 -9.50
N GLY B 47 13.00 -8.07 -10.58
CA GLY B 47 13.86 -7.13 -11.24
C GLY B 47 13.78 -7.30 -12.76
N LYS B 48 14.03 -6.20 -13.46
CA LYS B 48 14.10 -6.28 -14.90
C LYS B 48 14.96 -5.17 -15.48
N LEU B 49 15.47 -5.41 -16.69
CA LEU B 49 16.03 -4.32 -17.47
C LEU B 49 14.88 -3.42 -17.91
N SER B 50 15.14 -2.12 -18.00
CA SER B 50 14.15 -1.17 -18.49
C SER B 50 13.59 -1.59 -19.83
N ASN B 51 14.47 -1.67 -20.84
CA ASN B 51 14.07 -2.10 -22.18
C ASN B 51 14.55 -3.53 -22.36
N GLY B 52 14.11 -4.16 -23.43
CA GLY B 52 14.38 -5.58 -23.61
C GLY B 52 13.78 -6.40 -22.47
N LYS B 53 13.90 -7.71 -22.64
CA LYS B 53 13.15 -8.67 -21.88
C LYS B 53 14.17 -9.52 -21.13
N LYS B 54 14.66 -9.01 -19.99
CA LYS B 54 15.25 -9.87 -18.98
C LYS B 54 14.51 -9.53 -17.69
N PHE B 55 14.06 -10.59 -17.02
CA PHE B 55 13.25 -10.48 -15.82
C PHE B 55 13.76 -11.55 -14.85
N ASP B 56 13.81 -11.22 -13.57
CA ASP B 56 14.38 -12.08 -12.54
C ASP B 56 13.53 -11.93 -11.29
N SER B 57 13.33 -13.04 -10.59
CA SER B 57 12.46 -13.02 -9.44
C SER B 57 12.91 -14.04 -8.42
N SER B 58 12.95 -13.62 -7.15
CA SER B 58 13.15 -14.55 -6.04
C SER B 58 11.90 -15.44 -5.85
N HIS B 59 10.74 -14.94 -6.30
CA HIS B 59 9.48 -15.66 -6.14
C HIS B 59 9.48 -16.93 -6.99
N ASP B 60 10.49 -17.13 -7.84
CA ASP B 60 10.63 -18.34 -8.66
C ASP B 60 11.02 -19.54 -7.80
N ARG B 61 12.02 -19.38 -6.91
CA ARG B 61 12.48 -20.45 -6.03
C ARG B 61 11.59 -20.53 -4.78
N ASN B 62 10.74 -19.53 -4.56
CA ASN B 62 10.05 -19.30 -3.29
C ASN B 62 11.04 -19.30 -2.13
N GLU B 63 12.27 -18.79 -2.35
CA GLU B 63 13.30 -18.65 -1.32
C GLU B 63 13.70 -17.17 -1.22
N PRO B 64 13.78 -16.58 -0.02
CA PRO B 64 14.29 -15.22 0.10
C PRO B 64 15.73 -15.10 -0.37
N PHE B 65 16.05 -13.93 -0.90
CA PHE B 65 17.41 -13.54 -1.23
C PHE B 65 18.04 -12.87 -0.01
N VAL B 66 19.23 -13.35 0.37
CA VAL B 66 19.89 -12.94 1.59
C VAL B 66 21.27 -12.41 1.26
N PHE B 67 21.62 -11.25 1.82
CA PHE B 67 22.92 -10.67 1.61
C PHE B 67 23.24 -9.76 2.79
N SER B 68 24.52 -9.43 2.93
CA SER B 68 25.00 -8.55 3.99
C SER B 68 25.07 -7.13 3.47
N LEU B 69 24.35 -6.22 4.15
CA LEU B 69 24.18 -4.85 3.67
C LEU B 69 25.52 -4.10 3.67
N GLY B 70 25.72 -3.37 2.56
CA GLY B 70 26.69 -2.27 2.53
C GLY B 70 28.10 -2.76 2.30
N LYS B 71 28.24 -4.00 1.80
CA LYS B 71 29.53 -4.63 1.58
C LYS B 71 29.81 -4.85 0.08
N GLY B 72 28.94 -4.37 -0.81
CA GLY B 72 29.17 -4.54 -2.25
C GLY B 72 28.96 -6.00 -2.69
N GLN B 73 28.15 -6.79 -1.98
CA GLN B 73 27.70 -8.09 -2.47
C GLN B 73 26.63 -7.95 -3.55
N VAL B 74 26.02 -6.75 -3.59
CA VAL B 74 24.99 -6.39 -4.56
C VAL B 74 25.39 -5.07 -5.17
N ILE B 75 24.68 -4.66 -6.23
CA ILE B 75 24.89 -3.35 -6.83
C ILE B 75 24.72 -2.22 -5.80
N LYS B 76 25.39 -1.10 -6.07
CA LYS B 76 25.41 0.05 -5.17
C LYS B 76 23.99 0.46 -4.86
N ALA B 77 23.11 0.49 -5.85
CA ALA B 77 21.72 0.92 -5.64
C ALA B 77 20.99 0.13 -4.56
N TRP B 78 21.28 -1.17 -4.46
CA TRP B 78 20.67 -2.00 -3.44
C TRP B 78 21.26 -1.65 -2.08
N ASP B 79 22.58 -1.46 -1.95
CA ASP B 79 23.16 -1.07 -0.68
C ASP B 79 22.54 0.26 -0.22
N ILE B 80 22.36 1.23 -1.13
CA ILE B 80 21.74 2.50 -0.82
C ILE B 80 20.25 2.31 -0.51
N GLY B 81 19.53 1.61 -1.36
CA GLY B 81 18.07 1.52 -1.29
C GLY B 81 17.55 0.64 -0.18
N VAL B 82 18.10 -0.54 -0.03
CA VAL B 82 17.61 -1.43 1.03
C VAL B 82 17.94 -0.82 2.38
N ALA B 83 19.00 -0.03 2.50
CA ALA B 83 19.34 0.63 3.75
C ALA B 83 18.21 1.57 4.19
N THR B 84 17.39 2.06 3.27
CA THR B 84 16.32 3.02 3.60
C THR B 84 15.03 2.34 4.02
N MET B 85 14.93 1.01 3.96
CA MET B 85 13.68 0.31 4.08
C MET B 85 13.45 -0.20 5.49
N LYS B 86 12.17 -0.22 5.86
CA LYS B 86 11.72 -0.82 7.10
C LYS B 86 11.29 -2.28 6.88
N LYS B 87 11.23 -3.05 7.98
N LYS B 87 11.22 -3.05 7.98
CA LYS B 87 10.72 -4.41 7.90
CA LYS B 87 10.70 -4.41 7.92
C LYS B 87 9.28 -4.37 7.39
C LYS B 87 9.28 -4.35 7.38
N GLY B 88 9.00 -5.18 6.37
CA GLY B 88 7.67 -5.27 5.80
C GLY B 88 7.40 -4.29 4.67
N GLU B 89 8.34 -3.35 4.44
CA GLU B 89 8.19 -2.38 3.37
C GLU B 89 8.34 -3.06 2.00
N ILE B 90 7.53 -2.56 1.04
CA ILE B 90 7.77 -2.85 -0.36
C ILE B 90 8.05 -1.54 -1.07
N ALA B 91 9.16 -1.52 -1.83
CA ALA B 91 9.52 -0.35 -2.58
C ALA B 91 9.80 -0.70 -4.03
N HIS B 92 9.63 0.31 -4.89
CA HIS B 92 10.15 0.29 -6.23
C HIS B 92 11.39 1.16 -6.35
N LEU B 93 12.42 0.67 -7.06
CA LEU B 93 13.63 1.42 -7.35
C LEU B 93 13.83 1.44 -8.87
N LEU B 94 14.13 2.61 -9.41
CA LEU B 94 14.67 2.73 -10.74
C LEU B 94 16.10 3.23 -10.64
N ILE B 95 16.99 2.60 -11.41
CA ILE B 95 18.42 2.69 -11.16
C ILE B 95 19.17 2.95 -12.46
N LYS B 96 19.93 4.04 -12.47
CA LYS B 96 20.75 4.35 -13.63
C LYS B 96 22.02 3.50 -13.62
N PRO B 97 22.72 3.32 -14.77
CA PRO B 97 23.85 2.39 -14.79
C PRO B 97 24.95 2.66 -13.78
N GLU B 98 25.19 3.94 -13.46
CA GLU B 98 26.26 4.32 -12.56
C GLU B 98 26.08 3.65 -11.19
N TYR B 99 24.83 3.26 -10.83
CA TYR B 99 24.58 2.63 -9.55
C TYR B 99 24.28 1.14 -9.72
N ALA B 100 24.57 0.58 -10.90
CA ALA B 100 24.29 -0.80 -11.22
C ALA B 100 25.56 -1.39 -11.87
N TYR B 101 25.56 -1.72 -13.17
CA TYR B 101 26.70 -2.37 -13.81
C TYR B 101 27.45 -1.46 -14.80
N GLY B 102 27.11 -0.14 -14.85
CA GLY B 102 27.94 0.84 -15.53
C GLY B 102 28.02 0.67 -17.04
N SER B 103 29.00 1.37 -17.64
CA SER B 103 29.14 1.39 -19.08
C SER B 103 29.58 0.03 -19.58
N ALA B 104 30.41 -0.67 -18.81
CA ALA B 104 30.92 -1.98 -19.20
C ALA B 104 29.81 -3.03 -19.17
N GLY B 105 28.81 -2.84 -18.31
CA GLY B 105 27.87 -3.91 -18.07
C GLY B 105 28.55 -5.07 -17.34
N SER B 106 27.90 -6.21 -17.39
CA SER B 106 28.45 -7.43 -16.84
C SER B 106 27.90 -8.57 -17.68
N LEU B 107 28.55 -8.77 -18.82
CA LEU B 107 28.09 -9.75 -19.79
C LEU B 107 28.36 -11.15 -19.23
N PRO B 108 27.55 -12.18 -19.59
CA PRO B 108 26.45 -12.04 -20.54
C PRO B 108 25.15 -11.45 -20.01
N LYS B 109 24.98 -11.39 -18.69
CA LYS B 109 23.65 -11.08 -18.18
C LYS B 109 23.28 -9.62 -18.46
N ILE B 110 24.20 -8.70 -18.19
CA ILE B 110 23.89 -7.28 -18.19
C ILE B 110 24.65 -6.55 -19.30
N PRO B 111 23.92 -5.93 -20.24
CA PRO B 111 24.57 -5.13 -21.26
C PRO B 111 25.09 -3.81 -20.73
N SER B 112 25.80 -3.13 -21.60
CA SER B 112 26.30 -1.79 -21.41
C SER B 112 25.15 -0.81 -21.11
N ASN B 113 25.37 0.05 -20.11
CA ASN B 113 24.53 1.21 -19.83
C ASN B 113 23.08 0.80 -19.60
N ALA B 114 22.87 -0.23 -18.77
CA ALA B 114 21.50 -0.68 -18.48
C ALA B 114 20.90 0.04 -17.27
N THR B 115 19.68 0.54 -17.46
CA THR B 115 18.83 0.96 -16.37
C THR B 115 18.06 -0.25 -15.87
N LEU B 116 17.99 -0.38 -14.54
CA LEU B 116 17.32 -1.49 -13.91
C LEU B 116 16.12 -1.00 -13.10
N PHE B 117 15.12 -1.85 -13.02
CA PHE B 117 13.96 -1.63 -12.15
C PHE B 117 13.80 -2.81 -11.20
N PHE B 118 13.51 -2.54 -9.93
CA PHE B 118 13.20 -3.59 -8.97
C PHE B 118 11.97 -3.25 -8.13
N GLU B 119 11.23 -4.29 -7.76
CA GLU B 119 10.31 -4.24 -6.64
C GLU B 119 10.90 -5.16 -5.56
N ILE B 120 11.06 -4.60 -4.35
CA ILE B 120 11.76 -5.27 -3.26
C ILE B 120 10.85 -5.22 -2.02
N GLU B 121 10.67 -6.39 -1.38
CA GLU B 121 10.06 -6.49 -0.07
C GLU B 121 11.11 -6.87 0.96
N LEU B 122 11.30 -6.02 1.95
CA LEU B 122 12.25 -6.29 3.04
C LEU B 122 11.55 -7.16 4.08
N LEU B 123 11.95 -8.41 4.18
CA LEU B 123 11.25 -9.37 5.05
C LEU B 123 11.77 -9.23 6.47
N ASP B 124 13.10 -9.14 6.59
CA ASP B 124 13.70 -9.11 7.90
C ASP B 124 15.14 -8.67 7.78
N PHE B 125 15.75 -8.33 8.90
CA PHE B 125 17.19 -8.09 8.96
C PHE B 125 17.65 -8.34 10.38
N LYS B 126 18.84 -8.91 10.48
CA LYS B 126 19.40 -9.33 11.75
C LYS B 126 20.86 -8.93 11.79
N GLY B 127 21.32 -8.53 12.96
CA GLY B 127 22.69 -8.10 13.11
C GLY B 127 23.65 -9.28 13.01
N GLU B 128 24.84 -9.06 12.44
CA GLU B 128 25.86 -10.10 12.34
C GLU B 128 26.42 -10.33 13.75
N GLY C 1 -10.49 -33.79 -4.45
CA GLY C 1 -10.51 -32.95 -5.67
C GLY C 1 -9.36 -31.96 -5.71
N ALA C 2 -9.53 -30.94 -6.54
CA ALA C 2 -8.57 -29.87 -6.68
C ALA C 2 -8.15 -29.29 -5.33
N PRO C 3 -9.08 -28.94 -4.40
CA PRO C 3 -8.65 -28.33 -3.14
C PRO C 3 -7.68 -29.22 -2.37
N ALA C 4 -8.03 -30.50 -2.27
CA ALA C 4 -7.22 -31.46 -1.54
C ALA C 4 -5.83 -31.58 -2.15
N THR C 5 -5.73 -31.51 -3.48
CA THR C 5 -4.44 -31.59 -4.13
C THR C 5 -3.57 -30.41 -3.72
N VAL C 6 -4.18 -29.23 -3.61
CA VAL C 6 -3.43 -28.05 -3.19
C VAL C 6 -2.95 -28.23 -1.74
N THR C 7 -3.81 -28.74 -0.84
CA THR C 7 -3.41 -29.01 0.53
C THR C 7 -2.17 -29.90 0.55
N GLU C 8 -2.22 -30.99 -0.24
CA GLU C 8 -1.23 -32.05 -0.18
C GLU C 8 0.09 -31.55 -0.79
N GLN C 9 0.01 -30.88 -1.95
CA GLN C 9 1.23 -30.63 -2.73
C GLN C 9 1.40 -29.16 -3.12
N GLY C 10 0.52 -28.28 -2.69
CA GLY C 10 0.66 -26.85 -3.01
C GLY C 10 1.87 -26.21 -2.34
N GLU C 11 2.50 -25.24 -3.03
CA GLU C 11 3.58 -24.46 -2.48
C GLU C 11 3.04 -23.36 -1.56
N ASP C 12 3.72 -23.17 -0.43
CA ASP C 12 3.41 -22.08 0.48
C ASP C 12 4.06 -20.79 -0.02
N ILE C 13 3.23 -19.86 -0.47
CA ILE C 13 3.75 -18.63 -1.06
C ILE C 13 3.67 -17.44 -0.10
N THR C 14 3.36 -17.69 1.17
CA THR C 14 3.37 -16.64 2.19
C THR C 14 4.80 -16.30 2.59
N SER C 15 5.01 -15.04 3.03
CA SER C 15 6.27 -14.60 3.59
C SER C 15 6.52 -15.30 4.94
N LYS C 16 5.47 -15.44 5.74
CA LYS C 16 5.57 -16.00 7.08
C LYS C 16 5.74 -17.52 7.05
N LYS C 17 5.46 -18.17 5.89
CA LYS C 17 5.54 -19.62 5.75
C LYS C 17 4.62 -20.30 6.75
N ASP C 18 3.37 -19.84 6.77
CA ASP C 18 2.33 -20.31 7.69
C ASP C 18 1.28 -21.15 6.94
N ARG C 19 1.56 -21.52 5.69
CA ARG C 19 0.66 -22.29 4.84
C ARG C 19 -0.70 -21.60 4.65
N GLY C 20 -0.73 -20.27 4.81
CA GLY C 20 -1.96 -19.50 4.68
C GLY C 20 -2.45 -19.36 3.25
N VAL C 21 -1.53 -19.42 2.30
CA VAL C 21 -1.86 -19.34 0.88
C VAL C 21 -1.02 -20.42 0.20
N LEU C 22 -1.71 -21.46 -0.31
CA LEU C 22 -1.00 -22.54 -1.00
C LEU C 22 -1.38 -22.51 -2.47
N LYS C 23 -0.42 -22.82 -3.35
CA LYS C 23 -0.57 -22.67 -4.79
C LYS C 23 -0.11 -23.90 -5.53
N ILE C 24 -0.89 -24.30 -6.54
CA ILE C 24 -0.42 -25.18 -7.60
C ILE C 24 -0.57 -24.48 -8.96
N VAL C 25 0.45 -24.62 -9.80
CA VAL C 25 0.37 -24.18 -11.18
C VAL C 25 -0.25 -25.28 -12.01
N LYS C 26 -1.44 -25.03 -12.54
CA LYS C 26 -2.18 -26.00 -13.35
C LYS C 26 -1.90 -25.89 -14.84
N ARG C 27 -1.53 -24.69 -15.29
N ARG C 27 -1.51 -24.69 -15.28
CA ARG C 27 -1.08 -24.47 -16.65
CA ARG C 27 -1.10 -24.46 -16.66
C ARG C 27 0.01 -23.40 -16.60
C ARG C 27 -0.01 -23.40 -16.62
N VAL C 28 1.18 -23.74 -17.16
CA VAL C 28 2.30 -22.81 -17.18
C VAL C 28 2.01 -21.69 -18.17
N GLY C 29 2.33 -20.44 -17.78
CA GLY C 29 2.10 -19.29 -18.64
C GLY C 29 3.30 -19.02 -19.56
N ASN C 30 3.33 -17.81 -20.12
CA ASN C 30 4.26 -17.40 -21.15
C ASN C 30 5.27 -16.43 -20.57
N GLY C 31 6.47 -16.43 -21.17
CA GLY C 31 7.45 -15.43 -20.79
C GLY C 31 7.95 -15.66 -19.36
N GLU C 32 8.54 -14.62 -18.78
CA GLU C 32 9.05 -14.65 -17.41
C GLU C 32 8.34 -13.58 -16.55
N GLU C 33 7.77 -12.54 -17.16
CA GLU C 33 7.27 -11.40 -16.41
C GLU C 33 6.04 -11.77 -15.56
N THR C 34 6.01 -11.24 -14.33
CA THR C 34 4.88 -11.27 -13.44
C THR C 34 4.53 -9.85 -13.02
N PRO C 35 3.29 -9.58 -12.61
CA PRO C 35 2.89 -8.19 -12.42
C PRO C 35 3.45 -7.51 -11.18
N MET C 36 3.63 -6.17 -11.30
CA MET C 36 4.13 -5.31 -10.26
C MET C 36 2.97 -4.70 -9.48
N ILE C 37 3.23 -4.32 -8.22
CA ILE C 37 2.21 -3.57 -7.46
C ILE C 37 1.81 -2.34 -8.28
N GLY C 38 0.51 -2.10 -8.38
CA GLY C 38 -0.02 -1.00 -9.16
C GLY C 38 -0.51 -1.40 -10.54
N ASP C 39 -0.03 -2.54 -11.06
CA ASP C 39 -0.43 -2.95 -12.38
C ASP C 39 -1.91 -3.28 -12.40
N LYS C 40 -2.53 -3.02 -13.54
CA LYS C 40 -3.91 -3.40 -13.77
C LYS C 40 -3.89 -4.82 -14.29
N VAL C 41 -4.61 -5.69 -13.60
CA VAL C 41 -4.59 -7.12 -13.89
C VAL C 41 -5.96 -7.58 -14.37
N TYR C 42 -5.96 -8.41 -15.40
CA TYR C 42 -7.15 -8.98 -16.01
C TYR C 42 -7.13 -10.49 -15.81
N VAL C 43 -8.16 -11.05 -15.17
CA VAL C 43 -8.21 -12.47 -14.93
C VAL C 43 -9.59 -13.05 -15.24
N HIS C 44 -9.63 -14.39 -15.40
CA HIS C 44 -10.84 -15.17 -15.18
C HIS C 44 -10.62 -16.00 -13.91
N TYR C 45 -11.70 -16.21 -13.14
CA TYR C 45 -11.58 -17.00 -11.94
C TYR C 45 -12.87 -17.74 -11.64
N LYS C 46 -12.69 -18.76 -10.79
CA LYS C 46 -13.77 -19.46 -10.10
C LYS C 46 -13.35 -19.56 -8.65
N GLY C 47 -14.30 -19.29 -7.78
CA GLY C 47 -14.04 -19.34 -6.35
C GLY C 47 -15.14 -20.08 -5.63
N LYS C 48 -14.76 -20.73 -4.53
CA LYS C 48 -15.79 -21.30 -3.68
C LYS C 48 -15.32 -21.33 -2.22
N LEU C 49 -16.28 -21.42 -1.32
CA LEU C 49 -15.94 -21.81 0.06
C LEU C 49 -15.52 -23.28 0.01
N SER C 50 -14.54 -23.66 0.84
CA SER C 50 -14.13 -25.07 0.93
C SER C 50 -15.32 -25.94 1.29
N ASN C 51 -15.86 -25.66 2.48
CA ASN C 51 -16.81 -26.54 3.15
C ASN C 51 -18.15 -25.84 3.09
N GLY C 52 -18.66 -25.68 1.86
CA GLY C 52 -19.85 -24.87 1.68
C GLY C 52 -20.28 -24.89 0.22
N LYS C 53 -21.55 -24.51 0.03
CA LYS C 53 -22.08 -24.33 -1.31
C LYS C 53 -22.23 -22.83 -1.52
N LYS C 54 -21.12 -22.09 -1.60
CA LYS C 54 -21.13 -20.84 -2.35
C LYS C 54 -20.03 -20.96 -3.41
N PHE C 55 -20.41 -20.65 -4.64
CA PHE C 55 -19.53 -20.70 -5.81
C PHE C 55 -19.74 -19.42 -6.61
N ASP C 56 -18.66 -18.90 -7.17
CA ASP C 56 -18.65 -17.63 -7.86
C ASP C 56 -17.69 -17.78 -9.04
N SER C 57 -18.07 -17.14 -10.14
CA SER C 57 -17.26 -17.23 -11.34
C SER C 57 -17.33 -15.90 -12.08
N SER C 58 -16.20 -15.44 -12.56
CA SER C 58 -16.14 -14.33 -13.52
C SER C 58 -16.84 -14.68 -14.83
N HIS C 59 -16.87 -15.98 -15.15
CA HIS C 59 -17.50 -16.43 -16.39
C HIS C 59 -19.01 -16.19 -16.37
N ASP C 60 -19.62 -15.99 -15.20
CA ASP C 60 -21.03 -15.64 -15.14
C ASP C 60 -21.34 -14.29 -15.77
N ARG C 61 -20.45 -13.31 -15.63
CA ARG C 61 -20.61 -12.00 -16.26
C ARG C 61 -20.11 -12.06 -17.71
N ASN C 62 -19.43 -13.16 -18.08
CA ASN C 62 -18.76 -13.31 -19.37
C ASN C 62 -17.84 -12.12 -19.65
N GLU C 63 -17.13 -11.69 -18.62
CA GLU C 63 -16.22 -10.56 -18.69
C GLU C 63 -15.08 -10.84 -17.73
N PRO C 64 -13.83 -10.41 -18.03
CA PRO C 64 -12.74 -10.55 -17.08
C PRO C 64 -13.03 -9.76 -15.81
N PHE C 65 -12.45 -10.25 -14.71
CA PHE C 65 -12.35 -9.50 -13.48
C PHE C 65 -11.06 -8.69 -13.50
N VAL C 66 -11.20 -7.38 -13.22
CA VAL C 66 -10.10 -6.45 -13.41
C VAL C 66 -9.87 -5.71 -12.11
N PHE C 67 -8.62 -5.66 -11.68
CA PHE C 67 -8.28 -4.99 -10.45
C PHE C 67 -6.83 -4.54 -10.49
N SER C 68 -6.48 -3.61 -9.62
CA SER C 68 -5.12 -3.11 -9.48
C SER C 68 -4.41 -3.89 -8.37
N LEU C 69 -3.28 -4.49 -8.72
CA LEU C 69 -2.55 -5.35 -7.79
C LEU C 69 -1.98 -4.56 -6.62
N GLY C 70 -2.12 -5.15 -5.43
CA GLY C 70 -1.46 -4.67 -4.22
C GLY C 70 -2.07 -3.37 -3.69
N LYS C 71 -3.38 -3.15 -3.95
CA LYS C 71 -4.07 -1.97 -3.44
C LYS C 71 -5.20 -2.32 -2.47
N GLY C 72 -5.29 -3.60 -2.04
CA GLY C 72 -6.38 -4.06 -1.17
C GLY C 72 -7.76 -3.94 -1.81
N GLN C 73 -7.83 -4.03 -3.13
CA GLN C 73 -9.12 -4.15 -3.81
C GLN C 73 -9.65 -5.57 -3.67
N VAL C 74 -8.72 -6.51 -3.40
CA VAL C 74 -9.08 -7.91 -3.20
C VAL C 74 -8.45 -8.38 -1.88
N ILE C 75 -8.78 -9.61 -1.50
CA ILE C 75 -8.20 -10.23 -0.33
C ILE C 75 -6.69 -10.37 -0.46
N LYS C 76 -6.00 -10.39 0.69
CA LYS C 76 -4.54 -10.43 0.78
C LYS C 76 -4.03 -11.58 -0.10
N ALA C 77 -4.65 -12.75 -0.03
CA ALA C 77 -4.19 -13.91 -0.79
C ALA C 77 -4.10 -13.65 -2.30
N TRP C 78 -5.02 -12.86 -2.82
CA TRP C 78 -4.96 -12.52 -4.26
C TRP C 78 -3.82 -11.54 -4.54
N ASP C 79 -3.62 -10.52 -3.70
CA ASP C 79 -2.48 -9.62 -3.89
C ASP C 79 -1.17 -10.42 -3.87
N ILE C 80 -1.08 -11.42 -2.97
CA ILE C 80 0.10 -12.28 -2.89
C ILE C 80 0.17 -13.20 -4.12
N GLY C 81 -0.93 -13.91 -4.38
CA GLY C 81 -0.95 -15.01 -5.34
C GLY C 81 -0.90 -14.57 -6.80
N VAL C 82 -1.73 -13.60 -7.15
CA VAL C 82 -1.73 -13.16 -8.53
C VAL C 82 -0.39 -12.51 -8.88
N ALA C 83 0.29 -11.89 -7.92
CA ALA C 83 1.61 -11.33 -8.13
C ALA C 83 2.61 -12.40 -8.57
N THR C 84 2.39 -13.68 -8.23
CA THR C 84 3.32 -14.74 -8.62
C THR C 84 3.09 -15.29 -10.01
N MET C 85 2.04 -14.89 -10.70
CA MET C 85 1.56 -15.56 -11.90
C MET C 85 2.07 -14.89 -13.17
N LYS C 86 2.32 -15.72 -14.19
CA LYS C 86 2.70 -15.27 -15.51
C LYS C 86 1.46 -15.15 -16.40
N LYS C 87 1.58 -14.40 -17.48
N LYS C 87 1.55 -14.35 -17.45
CA LYS C 87 0.49 -14.26 -18.44
CA LYS C 87 0.49 -14.25 -18.44
C LYS C 87 0.18 -15.63 -19.02
C LYS C 87 0.19 -15.62 -19.04
N GLY C 88 -1.10 -15.99 -19.00
CA GLY C 88 -1.57 -17.25 -19.53
C GLY C 88 -1.55 -18.39 -18.51
N GLU C 89 -0.97 -18.15 -17.32
CA GLU C 89 -0.93 -19.13 -16.25
C GLU C 89 -2.34 -19.40 -15.70
N ILE C 90 -2.61 -20.67 -15.36
CA ILE C 90 -3.73 -21.02 -14.52
C ILE C 90 -3.19 -21.64 -13.24
N ALA C 91 -3.66 -21.13 -12.10
CA ALA C 91 -3.26 -21.62 -10.80
C ALA C 91 -4.48 -21.92 -9.95
N HIS C 92 -4.25 -22.83 -9.01
CA HIS C 92 -5.18 -23.09 -7.92
C HIS C 92 -4.57 -22.57 -6.63
N LEU C 93 -5.39 -21.87 -5.82
CA LEU C 93 -5.01 -21.34 -4.52
C LEU C 93 -5.99 -21.89 -3.48
N LEU C 94 -5.45 -22.34 -2.36
CA LEU C 94 -6.23 -22.60 -1.17
C LEU C 94 -5.78 -21.63 -0.09
N ILE C 95 -6.76 -21.02 0.59
CA ILE C 95 -6.50 -19.83 1.37
C ILE C 95 -7.14 -19.97 2.75
N LYS C 96 -6.32 -19.80 3.78
CA LYS C 96 -6.82 -19.82 5.15
C LYS C 96 -7.46 -18.48 5.45
N PRO C 97 -8.35 -18.40 6.46
CA PRO C 97 -9.09 -17.17 6.71
C PRO C 97 -8.22 -15.94 6.93
N GLU C 98 -7.03 -16.12 7.54
CA GLU C 98 -6.18 -14.98 7.85
C GLU C 98 -5.83 -14.18 6.59
N TYR C 99 -5.85 -14.83 5.41
CA TYR C 99 -5.49 -14.17 4.17
C TYR C 99 -6.73 -13.92 3.29
N ALA C 100 -7.92 -14.01 3.88
CA ALA C 100 -9.17 -13.81 3.19
C ALA C 100 -10.04 -12.90 4.06
N TYR C 101 -11.12 -13.39 4.67
CA TYR C 101 -12.04 -12.54 5.44
C TYR C 101 -12.00 -12.79 6.96
N GLY C 102 -11.06 -13.60 7.46
CA GLY C 102 -10.73 -13.67 8.88
C GLY C 102 -11.83 -14.31 9.72
N SER C 103 -11.67 -14.14 11.03
CA SER C 103 -12.61 -14.68 11.99
C SER C 103 -13.97 -14.00 11.87
N ALA C 104 -13.99 -12.71 11.56
CA ALA C 104 -15.22 -11.96 11.39
C ALA C 104 -16.03 -12.43 10.19
N GLY C 105 -15.33 -12.91 9.14
CA GLY C 105 -16.00 -13.10 7.86
C GLY C 105 -16.44 -11.76 7.27
N SER C 106 -17.39 -11.83 6.33
CA SER C 106 -17.94 -10.65 5.70
C SER C 106 -19.34 -11.03 5.25
N LEU C 107 -20.26 -11.02 6.21
CA LEU C 107 -21.61 -11.49 5.98
C LEU C 107 -22.35 -10.47 5.12
N PRO C 108 -23.37 -10.87 4.34
CA PRO C 108 -23.84 -12.26 4.25
C PRO C 108 -23.00 -13.21 3.40
N LYS C 109 -22.12 -12.68 2.54
CA LYS C 109 -21.48 -13.56 1.57
C LYS C 109 -20.55 -14.57 2.23
N ILE C 110 -19.70 -14.10 3.17
CA ILE C 110 -18.61 -14.92 3.69
C ILE C 110 -18.78 -15.14 5.20
N PRO C 111 -18.88 -16.41 5.64
CA PRO C 111 -18.98 -16.67 7.07
C PRO C 111 -17.64 -16.55 7.79
N SER C 112 -17.74 -16.67 9.14
CA SER C 112 -16.59 -16.73 9.99
C SER C 112 -15.64 -17.86 9.63
N ASN C 113 -14.33 -17.58 9.63
CA ASN C 113 -13.29 -18.59 9.54
C ASN C 113 -13.47 -19.45 8.30
N ALA C 114 -13.71 -18.80 7.15
CA ALA C 114 -13.90 -19.53 5.91
C ALA C 114 -12.57 -19.69 5.16
N THR C 115 -12.29 -20.95 4.78
CA THR C 115 -11.22 -21.27 3.86
C THR C 115 -11.78 -21.15 2.46
N LEU C 116 -11.03 -20.53 1.56
CA LEU C 116 -11.47 -20.28 0.19
C LEU C 116 -10.56 -21.02 -0.80
N PHE C 117 -11.17 -21.49 -1.88
CA PHE C 117 -10.45 -22.05 -3.01
C PHE C 117 -10.73 -21.22 -4.26
N PHE C 118 -9.68 -20.95 -5.05
CA PHE C 118 -9.85 -20.33 -6.34
C PHE C 118 -9.06 -21.05 -7.42
N GLU C 119 -9.64 -21.00 -8.63
CA GLU C 119 -8.90 -21.22 -9.86
C GLU C 119 -8.82 -19.87 -10.56
N ILE C 120 -7.62 -19.47 -10.97
CA ILE C 120 -7.38 -18.17 -11.54
C ILE C 120 -6.59 -18.36 -12.83
N GLU C 121 -7.03 -17.70 -13.90
CA GLU C 121 -6.28 -17.57 -15.14
C GLU C 121 -5.87 -16.12 -15.32
N LEU C 122 -4.57 -15.86 -15.36
CA LEU C 122 -4.06 -14.52 -15.60
C LEU C 122 -4.08 -14.23 -17.10
N LEU C 123 -4.96 -13.32 -17.53
CA LEU C 123 -5.12 -13.07 -18.95
C LEU C 123 -4.10 -12.05 -19.43
N ASP C 124 -3.92 -10.99 -18.62
CA ASP C 124 -3.07 -9.91 -19.04
C ASP C 124 -2.82 -9.00 -17.83
N PHE C 125 -1.82 -8.16 -17.98
CA PHE C 125 -1.56 -7.10 -17.02
C PHE C 125 -0.82 -5.98 -17.74
N LYS C 126 -1.14 -4.77 -17.30
CA LYS C 126 -0.64 -3.58 -17.96
C LYS C 126 -0.24 -2.60 -16.86
N GLY C 127 0.81 -1.82 -17.08
CA GLY C 127 1.15 -0.85 -16.04
C GLY C 127 0.14 0.30 -16.01
N GLU C 128 0.11 1.00 -14.87
CA GLU C 128 -0.84 2.07 -14.64
C GLU C 128 -0.47 3.25 -15.58
C4 A1INZ D . -20.91 21.82 13.18
C14 A1INZ D . -19.01 27.68 13.81
C5 A1INZ D . -21.00 22.43 14.42
C6 A1INZ D . -21.97 23.42 14.63
C11 A1INZ D . -22.03 26.34 17.59
C7 A1INZ D . -22.77 23.88 13.58
C8 A1INZ D . -24.83 24.58 14.42
C9 A1INZ D . -21.21 24.05 16.87
C10 A1INZ D . -21.76 24.90 18.00
C12 A1INZ D . -20.92 26.94 15.40
C13 A1INZ D . -19.67 27.43 15.12
N1 A1INZ D . -20.96 26.84 16.73
N2 A1INZ D . -19.06 27.68 16.31
C3 A1INZ D . -21.75 22.25 12.14
N3 A1INZ D . -19.84 27.32 17.29
C1 A1INZ D . -23.52 23.03 10.17
O1 A1INZ D . -23.50 23.78 11.40
C2 A1INZ D . -22.64 23.29 12.33
O2 A1INZ D . -23.63 24.93 13.76
O3 A1INZ D . -22.19 24.09 15.82
C15 A1INZ D . -18.68 26.38 13.08
C16 A1INZ D . -18.19 26.66 11.68
C17 A1INZ D . -17.67 25.57 13.87
O4 A1INZ D . -17.58 24.24 13.34
C18 A1INZ D . -16.37 23.65 13.43
O5 A1INZ D . -15.43 24.15 13.98
C19 A1INZ D . -16.36 22.24 12.89
C20 A1INZ D . -15.36 22.21 11.76
C21 A1INZ D . -15.88 22.97 10.53
C22 A1INZ D . -17.16 22.29 10.02
C23 A1INZ D . -18.21 22.23 11.15
N4 A1INZ D . -17.68 21.78 12.44
C24 A1INZ D . -18.47 21.17 13.36
O6 A1INZ D . -18.04 21.05 14.48
C25 A1INZ D . -19.89 20.71 12.97
C26 A1INZ D . -20.27 19.43 13.77
C27 A1INZ D . -19.43 18.24 13.32
C28 A1INZ D . -19.84 17.00 14.13
C29 A1INZ D . -21.31 16.67 13.95
C30 A1INZ D . -22.18 17.83 14.38
C31 A1INZ D . -21.76 19.10 13.64
H17 A1INZ D . -19.61 28.23 13.25
H16 A1INZ D . -18.18 28.18 13.96
H5 A1INZ D . -20.47 22.13 15.13
H13 A1INZ D . -22.09 26.90 18.38
H14 A1INZ D . -22.87 26.38 17.09
H7 A1INZ D . -25.41 25.36 14.48
H8 A1INZ D . -24.63 24.25 15.30
H6 A1INZ D . -25.29 23.89 13.92
H9 A1INZ D . -20.36 24.40 16.55
H10 A1INZ D . -21.08 23.13 17.17
H11 A1INZ D . -21.12 24.89 18.75
H12 A1INZ D . -22.59 24.50 18.33
H15 A1INZ D . -21.57 26.62 14.78
H4 A1INZ D . -21.65 21.86 11.28
H2 A1INZ D . -24.17 23.42 9.57
H3 A1INZ D . -23.78 22.11 10.36
H1 A1INZ D . -22.65 23.04 9.77
H18 A1INZ D . -19.52 25.85 13.02
H20 A1INZ D . -17.37 27.18 11.73
H21 A1INZ D . -18.87 27.14 11.19
H19 A1INZ D . -18.01 25.80 11.24
H23 A1INZ D . -16.79 26.00 13.81
H22 A1INZ D . -17.93 25.53 14.81
H24 A1INZ D . -16.03 21.63 13.61
H26 A1INZ D . -14.52 22.62 12.06
H25 A1INZ D . -15.18 21.28 11.51
H27 A1INZ D . -15.19 22.97 9.81
H28 A1INZ D . -16.08 23.90 10.76
H29 A1INZ D . -16.95 21.37 9.72
H30 A1INZ D . -17.51 22.79 9.25
H31 A1INZ D . -18.93 21.64 10.87
H32 A1INZ D . -18.59 23.13 11.27
H33 A1INZ D . -19.89 20.48 12.00
H34 A1INZ D . -20.07 19.60 14.72
H36 A1INZ D . -19.57 18.08 12.37
H35 A1INZ D . -18.49 18.43 13.47
H37 A1INZ D . -19.64 17.14 15.08
H38 A1INZ D . -19.30 16.23 13.83
H39 A1INZ D . -21.54 15.88 14.49
H40 A1INZ D . -21.49 16.46 13.01
H41 A1INZ D . -22.10 17.98 15.35
H42 A1INZ D . -23.12 17.64 14.18
H44 A1INZ D . -21.99 19.00 12.69
H43 A1INZ D . -22.28 19.85 13.99
C1 EDO E . -15.74 28.18 16.71
O1 EDO E . -16.84 28.47 17.58
C2 EDO E . -14.68 27.35 17.30
O2 EDO E . -14.78 27.09 18.68
H11 EDO E . -15.34 29.02 16.41
H12 EDO E . -16.09 27.72 15.91
HO1 EDO E . -17.34 28.96 17.15
H21 EDO E . -13.82 27.78 17.13
H22 EDO E . -14.68 26.49 16.83
HO2 EDO E . -14.16 26.56 18.89
C4 A1INZ F . 20.84 -10.48 -11.50
C14 A1INZ F . 25.77 -11.32 -7.99
C5 A1INZ F . 22.08 -10.25 -12.09
C6 A1INZ F . 22.97 -11.28 -12.31
C11 A1INZ F . 26.98 -11.12 -12.84
C7 A1INZ F . 22.69 -12.57 -11.82
C8 A1INZ F . 23.59 -14.17 -13.26
C9 A1INZ F . 24.79 -9.82 -12.98
C10 A1INZ F . 26.20 -10.00 -13.52
C12 A1INZ F . 26.08 -11.58 -10.54
C13 A1INZ F . 26.40 -11.05 -9.33
N1 A1INZ F . 26.92 -10.99 -11.41
N2 A1INZ F . 27.37 -10.12 -9.52
C3 A1INZ F . 20.56 -11.77 -11.02
N3 A1INZ F . 27.69 -10.09 -10.79
C1 A1INZ F . 20.84 -14.23 -9.40
O1 A1INZ F . 21.27 -14.09 -10.77
C2 A1INZ F . 21.44 -12.82 -11.24
O2 A1INZ F . 23.59 -13.62 -11.98
O3 A1INZ F . 24.17 -11.12 -12.98
C15 A1INZ F . 24.32 -10.79 -7.89
C16 A1INZ F . 23.71 -11.09 -6.54
C17 A1INZ F . 24.23 -9.31 -8.28
O4 A1INZ F . 22.85 -8.90 -8.43
C18 A1INZ F . 22.55 -7.68 -7.97
O5 A1INZ F . 23.35 -6.97 -7.42
C19 A1INZ F . 21.09 -7.29 -8.22
C20 A1INZ F . 20.34 -7.03 -6.92
C21 A1INZ F . 20.18 -8.33 -6.19
C22 A1INZ F . 19.32 -9.29 -6.98
C23 A1INZ F . 19.91 -9.54 -8.33
N4 A1INZ F . 20.43 -8.33 -9.04
C24 A1INZ F . 20.50 -8.27 -10.38
O6 A1INZ F . 21.15 -7.36 -10.89
C25 A1INZ F . 19.86 -9.34 -11.27
C26 A1INZ F . 19.43 -8.73 -12.61
C27 A1INZ F . 18.29 -7.74 -12.39
C28 A1INZ F . 17.76 -7.19 -13.69
C29 A1INZ F . 17.24 -8.28 -14.62
C30 A1INZ F . 18.37 -9.24 -14.88
C31 A1INZ F . 18.99 -9.80 -13.61
H17 A1INZ F . 25.77 -12.29 -7.84
H16 A1INZ F . 26.31 -10.89 -7.30
H5 A1INZ F . 22.27 -9.38 -12.42
H13 A1INZ F . 27.91 -11.08 -13.13
H14 A1INZ F . 26.61 -11.98 -13.11
H7 A1INZ F . 24.26 -14.89 -13.30
H8 A1INZ F . 23.83 -13.50 -13.91
H6 A1INZ F . 22.72 -14.53 -13.47
H9 A1INZ F . 24.81 -9.45 -12.08
H10 A1INZ F . 24.28 -9.21 -13.57
H11 A1INZ F . 26.69 -9.16 -13.40
H12 A1INZ F . 26.16 -10.18 -14.49
H15 A1INZ F . 25.43 -12.24 -10.75
H4 A1INZ F . 19.74 -11.92 -10.57
H2 A1INZ F . 20.77 -15.17 -9.17
H3 A1INZ F . 19.98 -13.80 -9.28
H1 A1INZ F . 21.50 -13.81 -8.81
H18 A1INZ F . 23.78 -11.29 -8.56
H20 A1INZ F . 24.24 -10.66 -5.84
H21 A1INZ F . 23.70 -12.06 -6.39
H19 A1INZ F . 22.79 -10.75 -6.51
H23 A1INZ F . 24.67 -8.77 -7.60
H22 A1INZ F . 24.70 -9.16 -9.14
H24 A1INZ F . 21.09 -6.45 -8.75
H26 A1INZ F . 20.84 -6.40 -6.37
H25 A1INZ F . 19.45 -6.65 -7.12
H27 A1INZ F . 19.76 -8.16 -5.32
H28 A1INZ F . 21.06 -8.74 -6.03
H29 A1INZ F . 18.42 -8.90 -7.09
H30 A1INZ F . 19.24 -10.14 -6.50
H31 A1INZ F . 19.23 -9.96 -8.90
H32 A1INZ F . 20.66 -10.17 -8.24
H33 A1INZ F . 19.06 -9.71 -10.81
H34 A1INZ F . 20.19 -8.23 -13.00
H36 A1INZ F . 17.56 -8.18 -11.90
H35 A1INZ F . 18.61 -6.99 -11.84
H37 A1INZ F . 18.49 -6.71 -14.16
H38 A1INZ F . 17.05 -6.56 -13.51
H39 A1INZ F . 16.92 -7.90 -15.46
H40 A1INZ F . 16.48 -8.76 -14.18
H41 A1INZ F . 19.06 -8.78 -15.40
H42 A1INZ F . 18.04 -9.99 -15.42
H44 A1INZ F . 18.35 -10.39 -13.18
H43 A1INZ F . 19.78 -10.34 -13.86
C1 EDO G . 27.57 -6.33 -8.02
O1 EDO G . 28.80 -5.74 -8.42
C2 EDO G . 27.77 -7.48 -7.15
O2 EDO G . 28.65 -8.44 -7.68
H11 EDO G . 27.07 -6.62 -8.81
H12 EDO G . 27.03 -5.65 -7.55
HO1 EDO G . 28.59 -5.11 -8.90
H21 EDO G . 26.90 -7.91 -6.99
H22 EDO G . 28.11 -7.17 -6.29
HO2 EDO G . 28.69 -9.08 -7.05
C4 A1INZ H . -16.55 -12.67 -3.79
C14 A1INZ H . -14.95 -6.90 -3.20
C5 A1INZ H . -16.82 -12.14 -2.54
C6 A1INZ H . -17.71 -11.05 -2.43
C11 A1INZ H . -18.02 -8.33 0.52
C7 A1INZ H . -18.34 -10.54 -3.58
C8 A1INZ H . -20.46 -9.78 -2.99
C9 A1INZ H . -17.11 -10.56 -0.19
C10 A1INZ H . -17.67 -9.75 0.95
C12 A1INZ H . -16.87 -7.72 -1.66
C13 A1INZ H . -15.65 -7.14 -1.90
N1 A1INZ H . -16.98 -7.74 -0.33
N2 A1INZ H . -15.05 -6.88 -0.70
C3 A1INZ H . -17.18 -12.17 -4.91
N3 A1INZ H . -15.87 -7.23 0.26
C1 A1INZ H . -18.12 -10.70 -7.15
O1 A1INZ H . -18.67 -10.47 -5.87
C2 A1INZ H . -18.05 -11.10 -4.81
O2 A1INZ H . -19.20 -9.45 -3.52
O3 A1INZ H . -18.10 -10.51 -1.22
C15 A1INZ H . -14.57 -8.21 -3.88
C16 A1INZ H . -14.00 -7.97 -5.28
C17 A1INZ H . -13.70 -9.04 -2.94
O4 A1INZ H . -13.40 -10.34 -3.50
C18 A1INZ H . -12.18 -10.85 -3.32
O5 A1INZ H . -11.23 -10.25 -2.90
C19 A1INZ H . -12.09 -12.27 -3.85
C20 A1INZ H . -10.96 -12.32 -4.87
C21 A1INZ H . -11.41 -11.67 -6.21
C22 A1INZ H . -12.68 -12.32 -6.74
C23 A1INZ H . -13.80 -12.30 -5.71
N4 A1INZ H . -13.35 -12.79 -4.38
C24 A1INZ H . -14.18 -13.41 -3.52
O6 A1INZ H . -13.87 -13.47 -2.33
C25 A1INZ H . -15.59 -13.85 -3.92
C26 A1INZ H . -16.02 -15.06 -3.05
C27 A1INZ H . -15.16 -16.28 -3.43
C28 A1INZ H . -15.59 -17.52 -2.68
C29 A1INZ H . -17.05 -17.87 -2.85
C30 A1INZ H . -17.96 -16.67 -2.56
C31 A1INZ H . -17.49 -15.40 -3.27
H17 A1INZ H . -15.54 -6.38 -3.79
H16 A1INZ H . -14.14 -6.36 -3.04
H5 A1INZ H . -16.43 -12.52 -1.76
H13 A1INZ H . -18.13 -7.76 1.32
H14 A1INZ H . -18.86 -8.34 0.03
H7 A1INZ H . -21.02 -8.99 -2.99
H8 A1INZ H . -20.35 -10.10 -2.08
H6 A1INZ H . -20.88 -10.47 -3.53
H9 A1INZ H . -16.26 -10.18 -0.51
H10 A1INZ H . -16.96 -11.48 0.09
H11 A1INZ H . -17.01 -9.71 1.68
H12 A1INZ H . -18.48 -10.18 1.31
H15 A1INZ H . -17.47 -8.06 -2.30
H4 A1INZ H . -16.97 -12.52 -5.75
H2 A1INZ H . -18.62 -10.18 -7.81
H3 A1INZ H . -18.19 -11.65 -7.36
H1 A1INZ H . -17.19 -10.43 -7.15
H18 A1INZ H . -15.40 -8.72 -4.01
H20 A1INZ H . -13.20 -7.42 -5.21
H21 A1INZ H . -14.66 -7.52 -5.83
H19 A1INZ H . -13.77 -8.83 -5.67
H23 A1INZ H . -12.86 -8.55 -2.77
H22 A1INZ H . -14.16 -9.15 -2.09
H24 A1INZ H . -11.83 -12.86 -3.08
H26 A1INZ H . -10.17 -11.86 -4.53
H25 A1INZ H . -10.71 -13.27 -5.04
H27 A1INZ H . -10.69 -11.75 -6.88
H28 A1INZ H . -11.58 -10.71 -6.07
H29 A1INZ H . -12.48 -13.26 -6.99
H30 A1INZ H . -12.98 -11.85 -7.55
H31 A1INZ H . -14.54 -12.86 -6.03
H32 A1INZ H . -14.14 -11.38 -5.62
H33 A1INZ H . -15.58 -14.13 -4.87
H34 A1INZ H . -15.87 -14.85 -2.09
H36 A1INZ H . -15.24 -16.43 -4.39
H35 A1INZ H . -14.22 -16.08 -3.23
H37 A1INZ H . -15.40 -17.40 -1.72
H38 A1INZ H . -15.04 -18.28 -2.98
H39 A1INZ H . -17.29 -18.61 -2.26
H40 A1INZ H . -17.21 -18.16 -3.78
H41 A1INZ H . -17.96 -16.51 -1.59
H42 A1INZ H . -18.87 -16.88 -2.84
H44 A1INZ H . -17.65 -15.50 -4.24
H43 A1INZ H . -18.04 -14.66 -2.96
C1 EDO I . -11.41 -6.70 -0.42
O1 EDO I . -12.51 -5.89 -0.08
C2 EDO I . -10.98 -7.62 0.61
O2 EDO I . -11.58 -7.36 1.79
H11 EDO I . -10.65 -6.12 -0.65
H12 EDO I . -11.64 -7.22 -1.22
HO1 EDO I . -12.65 -5.37 -0.74
H21 EDO I . -10.01 -7.56 0.71
H22 EDO I . -11.20 -8.53 0.33
HO2 EDO I . -11.36 -7.96 2.35
#